data_6ETH
#
_entry.id   6ETH
#
_cell.length_a   65.500
_cell.length_b   123.470
_cell.length_c   133.600
_cell.angle_alpha   90.00
_cell.angle_beta   90.00
_cell.angle_gamma   90.00
#
_symmetry.space_group_name_H-M   'I 2 2 2'
#
loop_
_entity.id
_entity.type
_entity.pdbx_description
1 polymer 'Molybdopterin biosynthesis protein CNX1'
2 non-polymer 'ADENOSINE MONOPHOSPHATE'
3 non-polymer 'MAGNESIUM ION'
4 non-polymer TUNGSTATE(VI)ION
5 non-polymer 1,2-ETHANEDIOL
6 non-polymer 'ACETYL GROUP'
7 water water
#
_entity_poly.entity_id   1
_entity_poly.type   'polypeptide(L)'
_entity_poly.pdbx_seq_one_letter_code
;MSRGSMEGQGCCGGGGGKTEMIPTEEALRIVFGVSKRLPPVIVSLYEALGKVLAEDIRAPDPLPPYPASVKDGYAVVASD
GPGEYPVITESRAGNDGLGVTVTPGTVAYVTTGGPIPDGADAVVQVEDTKVIGDVSTESKRVKILIQTKKGTDIRRVGCD
IEKDATVLTTGERIGASEIGLLATAGVTMVKVYPMPIVAILSTGDELVEPTAGTLGRGQIRDSNRAMLVAAVMQQQCKVV
DLGIVRDDRKELEKVLDEAVSSGVDIILTSGGVSMGDRDFVKPLLEEKGKVYFSKVLMKPGKPLTFAEIRAKPTESMLGK
TVLAFGLPGNPVSCLVCFNIFVVPTIRQLAGWTSPHPLRVRLRLQEPIKSDPIRPEFHRAIIKWKDNDGSGTPGFVAEST
GHQMSSRLLSMRSANALLELPATGNVLSAGSSVSAIIVSDISAFSIDKKASLSEPGSTSGGSAWSHPQFEK
;
_entity_poly.pdbx_strand_id   A
#
loop_
_chem_comp.id
_chem_comp.type
_chem_comp.name
_chem_comp.formula
ACE non-polymer 'ACETYL GROUP' 'C2 H4 O'
AMP non-polymer 'ADENOSINE MONOPHOSPHATE' 'C10 H14 N5 O7 P'
EDO non-polymer 1,2-ETHANEDIOL 'C2 H6 O2'
MG non-polymer 'MAGNESIUM ION' 'Mg 2'
WO4 non-polymer TUNGSTATE(VI)ION 'O4 W -2'
#
# COMPACT_ATOMS: atom_id res chain seq x y z
N MET A 21 -22.40 21.00 -13.22
CA MET A 21 -21.45 20.46 -12.25
C MET A 21 -22.09 19.42 -11.33
N ILE A 22 -21.61 18.17 -11.39
CA ILE A 22 -22.11 17.11 -10.49
C ILE A 22 -21.26 17.14 -9.21
N PRO A 23 -21.84 16.79 -8.04
CA PRO A 23 -21.01 16.77 -6.82
C PRO A 23 -19.88 15.73 -6.89
N THR A 24 -18.80 15.93 -6.12
CA THR A 24 -17.65 15.01 -6.15
C THR A 24 -18.05 13.58 -5.78
N GLU A 25 -18.93 13.45 -4.77
CA GLU A 25 -19.46 12.17 -4.27
C GLU A 25 -20.08 11.40 -5.45
N GLU A 26 -20.89 12.11 -6.29
CA GLU A 26 -21.51 11.49 -7.46
C GLU A 26 -20.46 11.13 -8.53
N ALA A 27 -19.50 12.03 -8.77
CA ALA A 27 -18.42 11.77 -9.75
C ALA A 27 -17.62 10.52 -9.34
N LEU A 28 -17.35 10.36 -8.03
CA LEU A 28 -16.62 9.20 -7.51
C LEU A 28 -17.44 7.91 -7.66
N ARG A 29 -18.75 7.99 -7.35
CA ARG A 29 -19.65 6.85 -7.52
C ARG A 29 -19.71 6.40 -8.99
N ILE A 30 -19.72 7.36 -9.94
CA ILE A 30 -19.75 7.03 -11.36
C ILE A 30 -18.45 6.30 -11.75
N VAL A 31 -17.32 6.89 -11.36
CA VAL A 31 -16.02 6.29 -11.67
C VAL A 31 -15.94 4.86 -11.09
N PHE A 32 -16.35 4.69 -9.85
CA PHE A 32 -16.36 3.37 -9.18
C PHE A 32 -17.23 2.32 -9.95
N GLY A 33 -18.44 2.71 -10.35
CA GLY A 33 -19.36 1.86 -11.09
C GLY A 33 -18.86 1.41 -12.44
N VAL A 34 -18.02 2.23 -13.08
CA VAL A 34 -17.45 1.92 -14.39
C VAL A 34 -16.12 1.17 -14.26
N SER A 35 -15.37 1.37 -13.15
CA SER A 35 -14.05 0.78 -12.96
C SER A 35 -14.14 -0.67 -12.55
N LYS A 36 -13.47 -1.57 -13.31
CA LYS A 36 -13.55 -3.02 -13.04
C LYS A 36 -12.21 -3.56 -12.69
N ARG A 37 -12.19 -4.47 -11.73
CA ARG A 37 -10.98 -5.14 -11.31
C ARG A 37 -10.35 -5.85 -12.51
N LEU A 38 -9.02 -5.81 -12.63
CA LEU A 38 -8.33 -6.43 -13.77
C LEU A 38 -8.27 -7.94 -13.63
N PRO A 39 -8.10 -8.67 -14.77
CA PRO A 39 -8.00 -10.13 -14.67
C PRO A 39 -6.75 -10.55 -13.88
N PRO A 40 -6.83 -11.58 -13.01
CA PRO A 40 -5.66 -11.94 -12.19
C PRO A 40 -4.54 -12.57 -13.03
N VAL A 41 -3.32 -12.52 -12.50
CA VAL A 41 -2.13 -13.06 -13.17
C VAL A 41 -1.32 -13.82 -12.17
N ILE A 42 -0.33 -14.58 -12.65
CA ILE A 42 0.55 -15.38 -11.78
C ILE A 42 1.90 -14.70 -11.78
N VAL A 43 2.42 -14.39 -10.59
CA VAL A 43 3.70 -13.64 -10.49
C VAL A 43 4.64 -14.37 -9.55
N SER A 44 5.90 -13.94 -9.54
CA SER A 44 6.87 -14.56 -8.62
C SER A 44 6.72 -13.98 -7.23
N LEU A 45 7.33 -14.61 -6.24
CA LEU A 45 7.21 -14.14 -4.86
C LEU A 45 7.46 -12.65 -4.67
N TYR A 46 8.60 -12.14 -5.15
CA TYR A 46 8.92 -10.71 -4.97
C TYR A 46 8.11 -9.77 -5.84
N GLU A 47 7.58 -10.27 -6.95
CA GLU A 47 6.64 -9.47 -7.76
C GLU A 47 5.28 -9.35 -7.08
N ALA A 48 4.94 -10.30 -6.18
CA ALA A 48 3.65 -10.27 -5.46
C ALA A 48 3.60 -9.14 -4.42
N LEU A 49 4.75 -8.66 -3.95
CA LEU A 49 4.78 -7.57 -2.95
C LEU A 49 4.01 -6.34 -3.44
N GLY A 50 3.09 -5.88 -2.59
CA GLY A 50 2.28 -4.70 -2.85
C GLY A 50 0.97 -5.04 -3.55
N LYS A 51 0.86 -6.27 -4.12
CA LYS A 51 -0.33 -6.68 -4.87
C LYS A 51 -1.36 -7.33 -4.00
N VAL A 52 -2.60 -7.37 -4.50
CA VAL A 52 -3.68 -8.00 -3.77
C VAL A 52 -3.80 -9.46 -4.19
N LEU A 53 -3.85 -10.38 -3.22
CA LEU A 53 -4.06 -11.82 -3.50
C LEU A 53 -5.35 -12.08 -4.26
N ALA A 54 -5.27 -12.98 -5.27
CA ALA A 54 -6.41 -13.42 -6.05
C ALA A 54 -6.71 -14.90 -5.76
N GLU A 55 -6.11 -15.49 -4.70
CA GLU A 55 -6.40 -16.89 -4.31
C GLU A 55 -6.11 -17.03 -2.80
N ASP A 56 -6.71 -18.02 -2.12
CA ASP A 56 -6.39 -18.25 -0.72
C ASP A 56 -5.09 -19.04 -0.69
N ILE A 57 -4.37 -18.99 0.43
CA ILE A 57 -3.12 -19.73 0.59
C ILE A 57 -3.27 -20.59 1.82
N ARG A 58 -3.11 -21.91 1.67
CA ARG A 58 -3.19 -22.87 2.78
C ARG A 58 -1.82 -23.45 3.05
N ALA A 59 -1.49 -23.63 4.32
CA ALA A 59 -0.22 -24.19 4.73
C ALA A 59 -0.15 -25.69 4.32
N PRO A 60 0.88 -26.13 3.53
CA PRO A 60 0.95 -27.55 3.12
C PRO A 60 1.43 -28.47 4.25
N ASP A 61 2.08 -27.92 5.27
CA ASP A 61 2.57 -28.67 6.43
C ASP A 61 2.45 -27.77 7.66
N PRO A 62 2.50 -28.34 8.88
CA PRO A 62 2.38 -27.50 10.06
C PRO A 62 3.64 -26.70 10.36
N LEU A 63 3.49 -25.65 11.18
CA LEU A 63 4.63 -24.93 11.70
C LEU A 63 4.54 -24.92 13.24
N PRO A 64 5.56 -25.46 13.94
CA PRO A 64 6.69 -26.20 13.40
C PRO A 64 6.18 -27.58 12.91
N PRO A 65 6.85 -28.23 11.94
CA PRO A 65 6.40 -29.58 11.48
C PRO A 65 6.84 -30.72 12.42
N TYR A 66 7.64 -30.39 13.42
CA TYR A 66 8.16 -31.34 14.41
C TYR A 66 8.06 -30.62 15.76
N PRO A 67 7.99 -31.32 16.90
CA PRO A 67 7.97 -30.63 18.20
C PRO A 67 9.30 -29.92 18.37
N ALA A 68 9.29 -28.58 18.52
CA ALA A 68 10.52 -27.77 18.53
C ALA A 68 10.78 -27.10 19.87
N SER A 69 12.06 -27.07 20.26
CA SER A 69 12.42 -26.40 21.52
C SER A 69 12.32 -24.89 21.35
N VAL A 70 11.81 -24.23 22.39
CA VAL A 70 11.73 -22.77 22.44
C VAL A 70 13.07 -22.24 22.96
N LYS A 71 13.85 -23.08 23.67
CA LYS A 71 15.07 -22.64 24.34
C LYS A 71 16.29 -23.47 24.06
N ASP A 72 17.43 -22.89 24.42
CA ASP A 72 18.70 -23.60 24.45
C ASP A 72 18.70 -24.20 25.83
N GLY A 73 18.91 -25.51 25.91
CA GLY A 73 18.83 -26.16 27.20
C GLY A 73 18.77 -27.65 27.07
N TYR A 74 17.95 -28.29 27.90
CA TYR A 74 17.87 -29.74 27.92
C TYR A 74 16.45 -30.22 27.87
N ALA A 75 16.20 -31.22 27.01
CA ALA A 75 14.90 -31.87 26.88
C ALA A 75 14.88 -32.92 27.98
N VAL A 76 13.82 -32.93 28.80
CA VAL A 76 13.70 -33.80 29.95
C VAL A 76 12.34 -34.51 29.99
N VAL A 77 12.25 -35.47 30.93
CA VAL A 77 11.01 -36.11 31.33
C VAL A 77 10.69 -35.27 32.57
N ALA A 78 9.63 -34.46 32.50
CA ALA A 78 9.25 -33.50 33.55
C ALA A 78 9.11 -34.11 34.94
N SER A 79 8.54 -35.32 35.01
CA SER A 79 8.36 -36.02 36.30
C SER A 79 9.67 -36.41 36.99
N ASP A 80 10.83 -36.40 36.28
CA ASP A 80 12.12 -36.74 36.92
C ASP A 80 12.46 -35.68 37.95
N GLY A 81 12.24 -34.40 37.64
CA GLY A 81 12.49 -33.32 38.58
C GLY A 81 13.97 -33.00 38.75
N PRO A 82 14.33 -32.12 39.71
CA PRO A 82 15.75 -31.77 39.88
C PRO A 82 16.65 -32.95 40.25
N GLY A 83 17.85 -32.97 39.69
CA GLY A 83 18.82 -34.04 39.91
C GLY A 83 19.94 -34.02 38.89
N GLU A 84 20.85 -35.01 38.96
CA GLU A 84 21.99 -35.14 38.05
C GLU A 84 21.67 -36.25 37.05
N TYR A 85 21.83 -35.97 35.74
CA TYR A 85 21.47 -36.92 34.69
C TYR A 85 22.50 -36.98 33.57
N PRO A 86 22.68 -38.16 32.92
CA PRO A 86 23.55 -38.22 31.73
C PRO A 86 22.86 -37.58 30.54
N VAL A 87 23.65 -36.95 29.65
CA VAL A 87 23.15 -36.35 28.43
C VAL A 87 23.33 -37.40 27.33
N ILE A 88 22.22 -37.97 26.82
CA ILE A 88 22.28 -39.09 25.86
C ILE A 88 22.30 -38.67 24.39
N THR A 89 21.94 -37.43 24.05
CA THR A 89 22.05 -36.95 22.68
C THR A 89 22.02 -35.44 22.67
N GLU A 90 22.28 -34.87 21.49
CA GLU A 90 22.28 -33.43 21.25
C GLU A 90 21.38 -33.20 20.05
N SER A 91 20.38 -32.31 20.16
CA SER A 91 19.45 -32.06 19.06
C SER A 91 19.30 -30.59 18.70
N ARG A 92 19.82 -30.20 17.51
CA ARG A 92 19.75 -28.84 17.00
C ARG A 92 18.94 -28.76 15.72
N ALA A 93 19.04 -29.76 14.83
CA ALA A 93 18.33 -29.69 13.53
C ALA A 93 18.34 -31.04 12.85
N GLY A 94 17.63 -31.13 11.72
CA GLY A 94 17.61 -32.30 10.85
C GLY A 94 17.34 -33.60 11.58
N ASN A 95 18.21 -34.61 11.35
CA ASN A 95 18.09 -35.93 11.97
C ASN A 95 18.83 -36.04 13.30
N ASP A 96 19.20 -34.93 13.94
CA ASP A 96 19.88 -35.05 15.24
C ASP A 96 18.95 -35.76 16.22
N GLY A 97 19.48 -36.73 16.97
CA GLY A 97 18.70 -37.48 17.95
C GLY A 97 17.69 -38.46 17.35
N LEU A 98 17.75 -38.72 16.03
CA LEU A 98 16.82 -39.67 15.39
C LEU A 98 17.12 -41.05 15.95
N GLY A 99 16.06 -41.74 16.37
CA GLY A 99 16.18 -43.09 16.92
C GLY A 99 16.55 -43.15 18.38
N VAL A 100 16.86 -41.99 19.01
CA VAL A 100 17.24 -41.91 20.43
C VAL A 100 15.98 -41.62 21.22
N THR A 101 15.77 -42.35 22.31
CA THR A 101 14.61 -42.10 23.16
C THR A 101 15.10 -41.59 24.51
N VAL A 102 14.57 -40.43 24.93
CA VAL A 102 14.88 -39.88 26.25
C VAL A 102 13.97 -40.61 27.20
N THR A 103 14.54 -41.46 28.05
CA THR A 103 13.79 -42.24 29.04
C THR A 103 13.93 -41.60 30.42
N PRO A 104 13.04 -41.91 31.39
CA PRO A 104 13.20 -41.34 32.74
C PRO A 104 14.61 -41.63 33.30
N GLY A 105 15.30 -40.59 33.74
CA GLY A 105 16.66 -40.66 34.25
C GLY A 105 17.69 -40.20 33.24
N THR A 106 17.27 -39.66 32.07
CA THR A 106 18.17 -39.17 31.03
C THR A 106 17.67 -37.82 30.52
N VAL A 107 18.55 -37.08 29.81
CA VAL A 107 18.20 -35.80 29.20
C VAL A 107 18.92 -35.70 27.87
N ALA A 108 18.52 -34.71 27.05
CA ALA A 108 19.16 -34.47 25.78
C ALA A 108 19.40 -32.99 25.65
N TYR A 109 20.57 -32.59 25.13
CA TYR A 109 20.82 -31.17 24.90
C TYR A 109 19.97 -30.72 23.70
N VAL A 110 19.39 -29.51 23.76
CA VAL A 110 18.64 -28.96 22.63
C VAL A 110 19.00 -27.51 22.44
N THR A 111 18.87 -27.01 21.21
CA THR A 111 19.06 -25.58 20.93
C THR A 111 17.69 -25.07 20.48
N THR A 112 17.47 -23.72 20.43
CA THR A 112 16.19 -23.16 20.01
C THR A 112 15.86 -23.63 18.60
N GLY A 113 14.66 -24.12 18.38
CA GLY A 113 14.25 -24.68 17.10
C GLY A 113 14.69 -26.12 16.88
N GLY A 114 15.39 -26.72 17.82
CA GLY A 114 15.83 -28.09 17.65
C GLY A 114 14.72 -29.10 17.86
N PRO A 115 14.71 -30.22 17.11
CA PRO A 115 13.66 -31.25 17.31
C PRO A 115 13.67 -31.89 18.71
N ILE A 116 12.51 -32.01 19.38
CA ILE A 116 12.50 -32.61 20.71
C ILE A 116 12.64 -34.13 20.52
N PRO A 117 13.62 -34.81 21.15
CA PRO A 117 13.72 -36.26 20.96
C PRO A 117 12.49 -36.99 21.49
N ASP A 118 12.18 -38.18 20.93
CA ASP A 118 11.06 -38.99 21.46
C ASP A 118 11.28 -39.26 22.96
N GLY A 119 10.18 -39.28 23.72
CA GLY A 119 10.23 -39.54 25.15
C GLY A 119 10.32 -38.30 26.03
N ALA A 120 11.06 -37.26 25.59
CA ALA A 120 11.15 -36.02 26.38
C ALA A 120 9.82 -35.27 26.26
N ASP A 121 9.36 -34.64 27.35
CA ASP A 121 8.08 -33.93 27.33
C ASP A 121 8.19 -32.49 27.81
N ALA A 122 9.40 -31.98 28.04
CA ALA A 122 9.58 -30.60 28.47
C ALA A 122 11.00 -30.16 28.23
N VAL A 123 11.24 -28.85 28.23
CA VAL A 123 12.59 -28.33 28.07
C VAL A 123 12.91 -27.46 29.27
N VAL A 124 14.10 -27.65 29.84
CA VAL A 124 14.61 -26.82 30.92
C VAL A 124 15.67 -25.92 30.27
N GLN A 125 15.44 -24.60 30.25
CA GLN A 125 16.39 -23.66 29.64
C GLN A 125 17.77 -23.78 30.34
N VAL A 126 18.87 -23.56 29.58
CA VAL A 126 20.26 -23.74 30.04
C VAL A 126 20.58 -22.97 31.34
N GLU A 127 19.93 -21.83 31.59
CA GLU A 127 20.16 -21.01 32.81
C GLU A 127 19.73 -21.75 34.08
N ASP A 128 18.81 -22.73 33.95
CA ASP A 128 18.36 -23.54 35.09
C ASP A 128 19.10 -24.88 35.16
N THR A 129 20.32 -24.96 34.57
CA THR A 129 21.13 -26.19 34.58
C THR A 129 22.60 -25.86 34.84
N LYS A 130 23.38 -26.89 35.11
CA LYS A 130 24.80 -26.79 35.38
C LYS A 130 25.46 -28.06 34.85
N VAL A 131 26.53 -27.92 34.04
CA VAL A 131 27.26 -29.09 33.54
C VAL A 131 28.13 -29.60 34.69
N ILE A 132 28.11 -30.92 34.95
CA ILE A 132 28.88 -31.56 36.03
C ILE A 132 29.98 -32.47 35.43
N GLY A 133 31.14 -32.49 36.07
CA GLY A 133 32.27 -33.35 35.68
C GLY A 133 33.18 -32.80 34.60
N ASP A 134 34.31 -33.48 34.39
CA ASP A 134 35.32 -33.09 33.39
C ASP A 134 34.75 -33.23 31.97
N VAL A 135 35.00 -32.22 31.11
CA VAL A 135 34.50 -32.21 29.72
C VAL A 135 35.25 -33.27 28.89
N SER A 136 36.56 -33.48 29.18
CA SER A 136 37.41 -34.46 28.51
C SER A 136 36.81 -35.87 28.49
N THR A 137 36.14 -36.28 29.60
CA THR A 137 35.50 -37.61 29.67
C THR A 137 34.26 -37.61 28.76
N GLU A 138 34.13 -38.65 27.90
CA GLU A 138 33.03 -38.76 26.93
C GLU A 138 31.62 -38.69 27.53
N SER A 139 31.41 -39.28 28.73
CA SER A 139 30.09 -39.27 29.37
C SER A 139 29.75 -37.86 29.92
N LYS A 140 28.90 -37.12 29.17
CA LYS A 140 28.49 -35.77 29.56
C LYS A 140 27.34 -35.91 30.58
N ARG A 141 27.37 -35.08 31.65
CA ARG A 141 26.37 -35.09 32.73
C ARG A 141 25.94 -33.67 33.06
N VAL A 142 24.67 -33.50 33.41
CA VAL A 142 24.13 -32.18 33.71
C VAL A 142 23.20 -32.25 34.91
N LYS A 143 23.23 -31.19 35.71
CA LYS A 143 22.37 -31.07 36.87
C LYS A 143 21.20 -30.17 36.46
N ILE A 144 19.99 -30.68 36.59
CA ILE A 144 18.77 -29.92 36.34
C ILE A 144 18.44 -29.24 37.68
N LEU A 145 18.36 -27.90 37.72
CA LEU A 145 18.16 -27.15 38.95
C LEU A 145 16.69 -26.88 39.34
N ILE A 146 15.70 -27.16 38.47
CA ILE A 146 14.28 -26.90 38.80
C ILE A 146 13.37 -28.09 38.52
N GLN A 147 12.12 -27.98 39.01
CA GLN A 147 11.05 -28.92 38.75
C GLN A 147 10.23 -28.26 37.63
N THR A 148 10.30 -28.79 36.42
CA THR A 148 9.54 -28.25 35.28
C THR A 148 8.18 -28.92 35.20
N LYS A 149 7.35 -28.45 34.28
CA LYS A 149 5.99 -28.97 34.03
C LYS A 149 5.95 -29.51 32.60
N LYS A 150 5.20 -30.60 32.36
CA LYS A 150 5.07 -31.18 31.01
C LYS A 150 4.62 -30.10 30.00
N GLY A 151 5.29 -30.08 28.83
CA GLY A 151 4.99 -29.13 27.75
C GLY A 151 5.73 -27.80 27.83
N THR A 152 6.52 -27.54 28.91
CA THR A 152 7.23 -26.26 29.08
C THR A 152 8.27 -26.05 28.00
N ASP A 153 8.27 -24.85 27.42
CA ASP A 153 9.22 -24.45 26.37
C ASP A 153 9.35 -25.42 25.18
N ILE A 154 8.23 -26.04 24.82
CA ILE A 154 8.15 -26.85 23.60
C ILE A 154 7.04 -26.26 22.74
N ARG A 155 7.31 -26.14 21.44
CA ARG A 155 6.32 -25.74 20.46
C ARG A 155 5.83 -27.04 19.86
N ARG A 156 4.61 -27.47 20.20
CA ARG A 156 4.05 -28.72 19.63
C ARG A 156 3.90 -28.56 18.13
N VAL A 157 3.76 -29.70 17.42
CA VAL A 157 3.57 -29.69 15.98
C VAL A 157 2.33 -28.82 15.66
N GLY A 158 2.50 -27.85 14.78
CA GLY A 158 1.43 -26.97 14.31
C GLY A 158 0.94 -25.89 15.26
N CYS A 159 1.64 -25.60 16.38
CA CYS A 159 1.13 -24.59 17.30
C CYS A 159 1.13 -23.21 16.72
N ASP A 160 2.04 -22.92 15.75
CA ASP A 160 2.09 -21.60 15.11
C ASP A 160 1.19 -21.53 13.90
N ILE A 161 1.19 -22.60 13.09
CA ILE A 161 0.33 -22.73 11.90
C ILE A 161 -0.08 -24.19 11.80
N GLU A 162 -1.38 -24.47 11.75
CA GLU A 162 -1.83 -25.86 11.59
C GLU A 162 -1.76 -26.26 10.11
N LYS A 163 -1.45 -27.53 9.82
CA LYS A 163 -1.44 -28.00 8.44
C LYS A 163 -2.85 -27.75 7.80
N ASP A 164 -2.88 -27.27 6.56
CA ASP A 164 -4.13 -26.95 5.83
C ASP A 164 -4.83 -25.69 6.31
N ALA A 165 -4.29 -24.96 7.30
CA ALA A 165 -4.92 -23.70 7.72
C ALA A 165 -4.79 -22.68 6.61
N THR A 166 -5.79 -21.80 6.46
CA THR A 166 -5.70 -20.70 5.50
C THR A 166 -4.85 -19.61 6.17
N VAL A 167 -3.66 -19.34 5.63
CA VAL A 167 -2.76 -18.31 6.20
C VAL A 167 -2.97 -16.95 5.52
N LEU A 168 -3.49 -16.92 4.27
CA LEU A 168 -3.79 -15.68 3.56
C LEU A 168 -5.01 -15.90 2.75
N THR A 169 -5.79 -14.84 2.53
CA THR A 169 -7.04 -14.97 1.78
C THR A 169 -7.11 -14.07 0.57
N THR A 170 -8.02 -14.40 -0.33
N THR A 170 -7.97 -14.43 -0.37
CA THR A 170 -8.32 -13.61 -1.52
CA THR A 170 -8.20 -13.63 -1.57
C THR A 170 -8.68 -12.19 -1.08
C THR A 170 -8.67 -12.23 -1.13
N GLY A 171 -8.14 -11.20 -1.77
CA GLY A 171 -8.45 -9.81 -1.45
C GLY A 171 -7.54 -9.21 -0.40
N GLU A 172 -6.56 -9.96 0.12
CA GLU A 172 -5.63 -9.45 1.12
C GLU A 172 -4.41 -8.82 0.43
N ARG A 173 -4.03 -7.56 0.81
CA ARG A 173 -2.83 -6.96 0.23
C ARG A 173 -1.52 -7.58 0.81
N ILE A 174 -0.56 -7.84 -0.05
CA ILE A 174 0.70 -8.50 0.36
C ILE A 174 1.74 -7.47 0.80
N GLY A 175 2.07 -7.52 2.10
CA GLY A 175 3.15 -6.74 2.70
C GLY A 175 4.27 -7.69 3.08
N ALA A 176 5.23 -7.20 3.89
CA ALA A 176 6.40 -8.02 4.25
C ALA A 176 6.01 -9.28 5.04
N SER A 177 5.12 -9.16 6.03
CA SER A 177 4.73 -10.38 6.81
C SER A 177 3.99 -11.36 5.93
N GLU A 178 3.20 -10.86 4.93
CA GLU A 178 2.47 -11.78 4.04
C GLU A 178 3.46 -12.49 3.12
N ILE A 179 4.54 -11.81 2.68
CA ILE A 179 5.63 -12.48 1.91
C ILE A 179 6.26 -13.56 2.81
N GLY A 180 6.47 -13.24 4.08
CA GLY A 180 6.99 -14.21 5.05
C GLY A 180 6.09 -15.43 5.16
N LEU A 181 4.77 -15.22 5.19
CA LEU A 181 3.82 -16.35 5.26
C LEU A 181 3.81 -17.20 3.97
N LEU A 182 3.93 -16.56 2.80
CA LEU A 182 4.00 -17.28 1.52
C LEU A 182 5.27 -18.17 1.52
N ALA A 183 6.41 -17.64 1.99
CA ALA A 183 7.67 -18.41 2.06
C ALA A 183 7.54 -19.52 3.06
N THR A 184 6.92 -19.26 4.23
CA THR A 184 6.67 -20.32 5.24
C THR A 184 5.93 -21.51 4.61
N ALA A 185 4.91 -21.21 3.78
CA ALA A 185 4.04 -22.19 3.11
C ALA A 185 4.62 -22.73 1.80
N GLY A 186 5.82 -22.31 1.43
CA GLY A 186 6.50 -22.83 0.25
C GLY A 186 5.94 -22.38 -1.08
N VAL A 187 5.32 -21.21 -1.12
CA VAL A 187 4.68 -20.68 -2.32
C VAL A 187 5.68 -19.69 -2.93
N THR A 188 6.14 -19.93 -4.14
CA THR A 188 7.03 -18.96 -4.79
C THR A 188 6.39 -18.38 -6.07
N MET A 189 5.23 -18.91 -6.55
CA MET A 189 4.46 -18.37 -7.68
C MET A 189 3.03 -18.09 -7.13
N VAL A 190 2.57 -16.83 -7.25
CA VAL A 190 1.37 -16.35 -6.56
C VAL A 190 0.36 -15.77 -7.52
N LYS A 191 -0.94 -16.09 -7.33
CA LYS A 191 -2.01 -15.53 -8.15
C LYS A 191 -2.46 -14.22 -7.51
N VAL A 192 -2.34 -13.12 -8.26
CA VAL A 192 -2.65 -11.77 -7.74
C VAL A 192 -3.40 -10.97 -8.77
N TYR A 193 -3.94 -9.84 -8.33
CA TYR A 193 -4.51 -8.87 -9.27
C TYR A 193 -3.32 -7.96 -9.67
N PRO A 194 -3.16 -7.68 -10.97
CA PRO A 194 -2.04 -6.83 -11.39
C PRO A 194 -2.36 -5.36 -11.19
N MET A 195 -1.36 -4.49 -11.38
CA MET A 195 -1.60 -3.05 -11.32
C MET A 195 -2.00 -2.64 -12.75
N PRO A 196 -2.83 -1.62 -12.92
CA PRO A 196 -3.11 -1.12 -14.28
C PRO A 196 -1.87 -0.47 -14.90
N ILE A 197 -1.84 -0.39 -16.22
CA ILE A 197 -0.78 0.28 -16.97
C ILE A 197 -1.40 1.62 -17.34
N VAL A 198 -0.65 2.72 -17.13
CA VAL A 198 -1.18 4.05 -17.31
C VAL A 198 -0.42 4.81 -18.38
N ALA A 199 -1.13 5.37 -19.37
CA ALA A 199 -0.51 6.24 -20.39
C ALA A 199 -0.72 7.68 -19.90
N ILE A 200 0.27 8.55 -20.14
CA ILE A 200 0.22 9.95 -19.71
C ILE A 200 0.69 10.83 -20.84
N LEU A 201 -0.05 11.91 -21.10
CA LEU A 201 0.39 12.92 -22.07
C LEU A 201 0.03 14.28 -21.53
N SER A 202 0.70 15.31 -22.05
CA SER A 202 0.40 16.71 -21.76
C SER A 202 -0.10 17.35 -23.03
N THR A 203 -0.90 18.41 -22.88
CA THR A 203 -1.36 19.13 -24.07
C THR A 203 -1.02 20.61 -23.98
N GLY A 204 -0.68 21.20 -25.13
CA GLY A 204 -0.52 22.65 -25.17
C GLY A 204 0.51 23.19 -26.13
N ASP A 205 0.13 24.21 -26.88
CA ASP A 205 1.10 24.85 -27.78
C ASP A 205 2.09 25.68 -26.98
N GLU A 206 1.74 26.07 -25.74
CA GLU A 206 2.64 26.87 -24.89
C GLU A 206 3.70 26.01 -24.17
N LEU A 207 3.60 24.69 -24.22
CA LEU A 207 4.53 23.84 -23.47
C LEU A 207 5.84 23.61 -24.16
N VAL A 208 6.91 23.42 -23.38
CA VAL A 208 8.22 22.96 -23.87
C VAL A 208 8.66 21.88 -22.93
N GLU A 209 9.63 21.10 -23.34
CA GLU A 209 10.10 20.04 -22.45
C GLU A 209 10.71 20.66 -21.19
N PRO A 210 10.69 19.93 -20.05
CA PRO A 210 11.34 20.45 -18.85
C PRO A 210 12.87 20.52 -18.94
N THR A 211 13.50 20.00 -20.03
CA THR A 211 14.93 20.20 -20.24
C THR A 211 15.20 21.63 -20.85
N ALA A 212 14.19 22.38 -21.28
CA ALA A 212 14.44 23.71 -21.87
C ALA A 212 15.17 24.64 -20.89
N GLY A 213 16.12 25.43 -21.41
CA GLY A 213 16.81 26.47 -20.66
C GLY A 213 16.03 27.75 -20.83
N THR A 214 16.59 28.77 -21.47
CA THR A 214 15.88 30.04 -21.68
C THR A 214 14.57 29.83 -22.40
N LEU A 215 13.48 30.32 -21.82
CA LEU A 215 12.16 30.15 -22.43
C LEU A 215 11.88 31.27 -23.45
N GLY A 216 11.29 30.89 -24.58
CA GLY A 216 10.86 31.85 -25.59
C GLY A 216 9.60 32.55 -25.10
N ARG A 217 9.13 33.58 -25.81
CA ARG A 217 7.89 34.27 -25.42
C ARG A 217 6.75 33.27 -25.42
N GLY A 218 5.87 33.35 -24.43
CA GLY A 218 4.66 32.53 -24.39
C GLY A 218 4.91 31.04 -24.20
N GLN A 219 6.01 30.65 -23.53
CA GLN A 219 6.35 29.25 -23.27
C GLN A 219 6.50 29.01 -21.79
N ILE A 220 6.12 27.82 -21.36
CA ILE A 220 6.33 27.34 -20.01
C ILE A 220 6.84 25.91 -20.11
N ARG A 221 7.57 25.42 -19.10
CA ARG A 221 8.00 24.01 -19.10
C ARG A 221 6.81 23.13 -18.76
N ASP A 222 6.71 21.97 -19.43
CA ASP A 222 5.68 20.97 -19.12
C ASP A 222 6.05 20.41 -17.72
N SER A 223 5.26 20.77 -16.67
CA SER A 223 5.50 20.22 -15.33
C SER A 223 4.48 19.09 -14.98
N ASN A 224 3.24 19.12 -15.53
CA ASN A 224 2.23 18.10 -15.19
C ASN A 224 2.64 16.69 -15.56
N ARG A 225 3.30 16.51 -16.71
CA ARG A 225 3.63 15.17 -17.16
C ARG A 225 4.59 14.48 -16.19
N ALA A 226 5.73 15.14 -15.85
CA ALA A 226 6.66 14.55 -14.89
C ALA A 226 5.98 14.35 -13.51
N MET A 227 5.14 15.32 -13.10
CA MET A 227 4.44 15.23 -11.81
C MET A 227 3.52 13.99 -11.79
N LEU A 228 2.76 13.76 -12.90
CA LEU A 228 1.86 12.61 -13.03
C LEU A 228 2.65 11.30 -13.17
N VAL A 229 3.76 11.32 -13.91
CA VAL A 229 4.58 10.10 -14.01
C VAL A 229 5.02 9.71 -12.59
N ALA A 230 5.49 10.68 -11.80
CA ALA A 230 5.93 10.43 -10.41
C ALA A 230 4.74 9.94 -9.56
N ALA A 231 3.58 10.57 -9.74
CA ALA A 231 2.40 10.18 -8.94
C ALA A 231 1.99 8.72 -9.24
N VAL A 232 2.09 8.32 -10.51
CA VAL A 232 1.72 6.96 -10.93
C VAL A 232 2.80 5.99 -10.43
N MET A 233 4.07 6.35 -10.56
CA MET A 233 5.19 5.53 -9.98
C MET A 233 4.95 5.28 -8.46
N GLN A 234 4.46 6.28 -7.73
CA GLN A 234 4.19 6.12 -6.27
C GLN A 234 3.07 5.10 -6.05
N GLN A 235 2.15 4.97 -7.04
CA GLN A 235 1.08 3.97 -6.99
C GLN A 235 1.52 2.62 -7.52
N GLN A 236 2.80 2.46 -7.89
CA GLN A 236 3.40 1.21 -8.32
C GLN A 236 2.86 0.69 -9.65
N CYS A 237 2.46 1.60 -10.57
CA CYS A 237 1.96 1.20 -11.88
C CYS A 237 3.02 1.49 -12.91
N LYS A 238 3.02 0.68 -13.98
CA LYS A 238 3.86 0.93 -15.14
C LYS A 238 3.31 2.18 -15.84
N VAL A 239 4.22 3.04 -16.33
CA VAL A 239 3.88 4.27 -17.01
C VAL A 239 4.25 4.18 -18.50
N VAL A 240 3.39 4.71 -19.39
CA VAL A 240 3.69 4.83 -20.82
C VAL A 240 3.69 6.36 -21.04
N ASP A 241 4.85 6.96 -21.25
CA ASP A 241 4.98 8.42 -21.38
C ASP A 241 4.75 8.79 -22.85
N LEU A 242 3.62 9.43 -23.17
CA LEU A 242 3.30 9.78 -24.55
C LEU A 242 3.69 11.22 -24.93
N GLY A 243 4.35 11.92 -24.01
CA GLY A 243 4.93 13.22 -24.30
C GLY A 243 3.96 14.38 -24.40
N ILE A 244 4.41 15.43 -25.09
CA ILE A 244 3.63 16.64 -25.31
C ILE A 244 2.87 16.53 -26.61
N VAL A 245 1.56 16.90 -26.58
CA VAL A 245 0.70 16.92 -27.76
C VAL A 245 0.24 18.35 -27.95
N ARG A 246 0.27 18.85 -29.19
CA ARG A 246 -0.11 20.23 -29.47
C ARG A 246 -1.62 20.37 -29.56
N ASP A 247 -2.12 21.63 -29.56
CA ASP A 247 -3.57 21.90 -29.61
C ASP A 247 -4.06 21.81 -31.06
N ASP A 248 -4.07 20.58 -31.59
CA ASP A 248 -4.47 20.27 -32.95
C ASP A 248 -5.33 19.02 -32.83
N ARG A 249 -6.61 19.11 -33.24
CA ARG A 249 -7.56 18.01 -33.08
C ARG A 249 -7.10 16.70 -33.72
N LYS A 250 -6.56 16.76 -34.96
CA LYS A 250 -6.11 15.53 -35.65
C LYS A 250 -4.93 14.88 -34.91
N GLU A 251 -4.01 15.69 -34.42
CA GLU A 251 -2.85 15.15 -33.70
C GLU A 251 -3.25 14.50 -32.39
N LEU A 252 -4.10 15.16 -31.63
CA LEU A 252 -4.57 14.59 -30.36
C LEU A 252 -5.41 13.33 -30.61
N GLU A 253 -6.24 13.31 -31.67
CA GLU A 253 -7.01 12.09 -32.00
C GLU A 253 -6.05 10.91 -32.29
N LYS A 254 -4.98 11.17 -33.05
CA LYS A 254 -4.01 10.11 -33.40
C LYS A 254 -3.34 9.56 -32.14
N VAL A 255 -2.91 10.45 -31.24
CA VAL A 255 -2.23 9.99 -30.02
C VAL A 255 -3.24 9.22 -29.13
N LEU A 256 -4.48 9.73 -28.99
CA LEU A 256 -5.48 9.01 -28.18
C LEU A 256 -5.80 7.65 -28.79
N ASP A 257 -5.95 7.57 -30.14
CA ASP A 257 -6.20 6.29 -30.84
C ASP A 257 -5.03 5.33 -30.59
N GLU A 258 -3.76 5.83 -30.68
CA GLU A 258 -2.54 5.02 -30.41
C GLU A 258 -2.52 4.55 -28.94
N ALA A 259 -2.85 5.44 -28.00
CA ALA A 259 -2.89 5.06 -26.58
C ALA A 259 -3.96 3.97 -26.32
N VAL A 260 -5.18 4.20 -26.84
CA VAL A 260 -6.28 3.24 -26.62
C VAL A 260 -5.94 1.84 -27.16
N SER A 261 -5.25 1.75 -28.30
CA SER A 261 -4.93 0.43 -28.90
C SER A 261 -3.63 -0.17 -28.35
N SER A 262 -2.84 0.58 -27.55
CA SER A 262 -1.55 0.08 -27.02
C SER A 262 -1.62 -1.03 -25.97
N GLY A 263 -2.74 -1.14 -25.24
CA GLY A 263 -2.89 -2.14 -24.18
C GLY A 263 -2.97 -1.53 -22.80
N VAL A 264 -2.84 -0.19 -22.70
CA VAL A 264 -2.94 0.45 -21.37
C VAL A 264 -4.38 0.31 -20.86
N ASP A 265 -4.53 0.47 -19.55
CA ASP A 265 -5.82 0.40 -18.87
C ASP A 265 -6.39 1.76 -18.56
N ILE A 266 -5.52 2.77 -18.35
CA ILE A 266 -5.93 4.13 -17.99
C ILE A 266 -5.15 5.11 -18.84
N ILE A 267 -5.81 6.16 -19.31
CA ILE A 267 -5.10 7.23 -20.02
C ILE A 267 -5.32 8.48 -19.18
N LEU A 268 -4.26 9.22 -18.92
CA LEU A 268 -4.33 10.49 -18.22
C LEU A 268 -3.86 11.57 -19.17
N THR A 269 -4.71 12.55 -19.48
CA THR A 269 -4.26 13.71 -20.24
C THR A 269 -4.33 14.86 -19.25
N SER A 270 -3.65 15.98 -19.52
CA SER A 270 -3.88 17.18 -18.72
C SER A 270 -4.00 18.33 -19.69
N GLY A 271 -4.77 19.33 -19.32
CA GLY A 271 -5.00 20.49 -20.18
C GLY A 271 -5.99 20.20 -21.28
N GLY A 272 -6.29 21.22 -22.11
CA GLY A 272 -7.18 21.05 -23.25
C GLY A 272 -8.64 20.77 -22.91
N VAL A 273 -9.06 21.05 -21.66
CA VAL A 273 -10.41 20.81 -21.15
C VAL A 273 -11.04 22.12 -20.66
N SER A 274 -10.51 23.31 -21.04
CA SER A 274 -11.11 24.59 -20.64
C SER A 274 -12.13 25.02 -21.73
N MET A 275 -12.41 26.32 -21.88
CA MET A 275 -13.44 26.81 -22.82
C MET A 275 -12.81 27.49 -24.04
N GLY A 276 -11.56 27.13 -24.37
CA GLY A 276 -10.86 27.73 -25.50
C GLY A 276 -11.30 27.13 -26.82
N ASP A 277 -10.98 27.81 -27.92
CA ASP A 277 -11.36 27.33 -29.25
C ASP A 277 -10.41 26.21 -29.76
N ARG A 278 -9.34 25.86 -29.01
CA ARG A 278 -8.43 24.78 -29.39
C ARG A 278 -8.29 23.74 -28.27
N ASP A 279 -9.37 23.55 -27.49
CA ASP A 279 -9.43 22.57 -26.38
C ASP A 279 -10.22 21.38 -26.92
N PHE A 280 -9.50 20.35 -27.40
CA PHE A 280 -10.11 19.21 -28.09
C PHE A 280 -10.26 17.92 -27.25
N VAL A 281 -9.84 17.90 -25.99
CA VAL A 281 -9.91 16.66 -25.19
C VAL A 281 -11.34 16.18 -25.01
N LYS A 282 -12.24 17.04 -24.51
CA LYS A 282 -13.66 16.64 -24.29
C LYS A 282 -14.34 16.15 -25.57
N PRO A 283 -14.36 16.91 -26.68
CA PRO A 283 -15.03 16.42 -27.89
C PRO A 283 -14.43 15.13 -28.45
N LEU A 284 -13.12 14.92 -28.31
CA LEU A 284 -12.49 13.68 -28.79
C LEU A 284 -12.88 12.48 -27.94
N LEU A 285 -12.95 12.65 -26.61
CA LEU A 285 -13.39 11.54 -25.75
C LEU A 285 -14.85 11.22 -26.01
N GLU A 286 -15.70 12.25 -26.28
CA GLU A 286 -17.11 12.06 -26.65
C GLU A 286 -17.20 11.25 -27.96
N GLU A 287 -16.33 11.56 -28.91
CA GLU A 287 -16.31 10.89 -30.20
C GLU A 287 -15.83 9.42 -30.07
N LYS A 288 -14.78 9.16 -29.26
CA LYS A 288 -14.17 7.85 -29.13
C LYS A 288 -14.89 6.90 -28.16
N GLY A 289 -15.52 7.44 -27.11
CA GLY A 289 -16.17 6.62 -26.11
C GLY A 289 -17.37 7.29 -25.46
N LYS A 290 -17.61 6.98 -24.19
CA LYS A 290 -18.74 7.51 -23.42
C LYS A 290 -18.19 8.46 -22.36
N VAL A 291 -18.51 9.75 -22.44
CA VAL A 291 -18.11 10.73 -21.42
C VAL A 291 -19.22 10.73 -20.35
N TYR A 292 -18.86 10.38 -19.10
CA TYR A 292 -19.83 10.34 -18.01
C TYR A 292 -20.01 11.70 -17.37
N PHE A 293 -18.96 12.54 -17.37
CA PHE A 293 -19.07 13.91 -16.85
C PHE A 293 -17.89 14.73 -17.33
N SER A 294 -18.01 16.05 -17.32
CA SER A 294 -16.93 16.97 -17.72
C SER A 294 -16.84 18.19 -16.81
N LYS A 295 -17.64 18.25 -15.74
CA LYS A 295 -17.70 19.40 -14.85
C LYS A 295 -18.01 18.85 -13.46
N VAL A 296 -17.21 19.23 -12.45
CA VAL A 296 -17.43 18.76 -11.06
C VAL A 296 -17.48 19.96 -10.12
N LEU A 297 -18.42 19.91 -9.17
CA LEU A 297 -18.62 20.99 -8.19
C LEU A 297 -17.54 20.82 -7.11
N MET A 298 -16.39 21.43 -7.35
CA MET A 298 -15.26 21.36 -6.43
C MET A 298 -14.30 22.50 -6.72
N LYS A 299 -13.55 22.89 -5.70
CA LYS A 299 -12.46 23.87 -5.82
C LYS A 299 -11.23 23.15 -5.26
N PRO A 300 -10.13 22.99 -6.00
CA PRO A 300 -9.90 23.34 -7.40
C PRO A 300 -10.30 22.17 -8.32
N GLY A 301 -10.17 22.34 -9.63
CA GLY A 301 -10.37 21.27 -10.61
C GLY A 301 -11.74 21.10 -11.22
N LYS A 302 -12.50 22.22 -11.43
CA LYS A 302 -13.85 22.14 -12.04
C LYS A 302 -13.94 21.42 -13.41
N PRO A 303 -13.05 21.66 -14.42
CA PRO A 303 -13.22 21.00 -15.72
C PRO A 303 -12.83 19.52 -15.86
N LEU A 304 -12.68 18.76 -14.78
CA LEU A 304 -12.36 17.32 -14.86
C LEU A 304 -13.35 16.51 -15.74
N THR A 305 -12.83 15.78 -16.75
CA THR A 305 -13.60 14.96 -17.68
C THR A 305 -13.26 13.48 -17.46
N PHE A 306 -14.28 12.58 -17.46
CA PHE A 306 -14.07 11.14 -17.28
C PHE A 306 -14.78 10.37 -18.42
N ALA A 307 -14.06 9.43 -19.07
CA ALA A 307 -14.65 8.67 -20.16
C ALA A 307 -14.23 7.21 -20.13
N GLU A 308 -15.06 6.36 -20.71
CA GLU A 308 -14.78 4.94 -20.89
C GLU A 308 -14.68 4.72 -22.40
N ILE A 309 -13.55 4.19 -22.88
CA ILE A 309 -13.36 3.90 -24.31
C ILE A 309 -13.16 2.39 -24.47
N ARG A 310 -13.73 1.79 -25.52
CA ARG A 310 -13.52 0.37 -25.78
C ARG A 310 -12.42 0.27 -26.85
N ALA A 311 -11.35 -0.52 -26.60
CA ALA A 311 -10.26 -0.68 -27.57
C ALA A 311 -10.71 -1.55 -28.77
N LYS A 312 -10.22 -1.22 -29.98
CA LYS A 312 -10.56 -1.92 -31.24
C LYS A 312 -10.37 -3.45 -31.21
N PRO A 313 -11.09 -4.23 -32.07
CA PRO A 313 -10.89 -5.70 -32.06
C PRO A 313 -9.49 -6.14 -32.44
N GLY A 319 -11.63 -7.42 -27.14
CA GLY A 319 -11.00 -6.15 -26.79
C GLY A 319 -11.04 -5.86 -25.31
N LYS A 320 -10.63 -4.65 -24.90
CA LYS A 320 -10.67 -4.27 -23.49
C LYS A 320 -11.17 -2.85 -23.34
N THR A 321 -11.67 -2.54 -22.16
CA THR A 321 -12.12 -1.17 -21.85
C THR A 321 -10.87 -0.38 -21.37
N VAL A 322 -10.84 0.92 -21.67
CA VAL A 322 -9.78 1.84 -21.30
C VAL A 322 -10.47 3.04 -20.61
N LEU A 323 -10.03 3.39 -19.41
CA LEU A 323 -10.58 4.53 -18.67
C LEU A 323 -9.75 5.76 -19.02
N ALA A 324 -10.40 6.89 -19.31
CA ALA A 324 -9.67 8.12 -19.63
C ALA A 324 -10.07 9.23 -18.68
N PHE A 325 -9.07 9.92 -18.10
CA PHE A 325 -9.29 11.10 -17.25
C PHE A 325 -8.70 12.29 -17.98
N GLY A 326 -9.54 13.24 -18.34
CA GLY A 326 -9.10 14.49 -18.95
C GLY A 326 -8.90 15.43 -17.79
N LEU A 327 -7.70 15.39 -17.22
CA LEU A 327 -7.37 16.16 -16.01
C LEU A 327 -7.24 17.63 -16.34
N PRO A 328 -7.57 18.54 -15.40
CA PRO A 328 -7.39 19.98 -15.69
C PRO A 328 -5.89 20.32 -15.89
N GLY A 329 -5.62 21.33 -16.73
CA GLY A 329 -4.22 21.73 -16.97
C GLY A 329 -3.57 22.43 -15.78
N ASN A 330 -4.34 23.20 -14.99
CA ASN A 330 -3.72 23.92 -13.85
C ASN A 330 -3.01 22.93 -12.93
N PRO A 331 -1.69 23.10 -12.65
CA PRO A 331 -0.94 22.07 -11.88
C PRO A 331 -1.57 21.58 -10.59
N VAL A 332 -2.13 22.49 -9.80
CA VAL A 332 -2.77 22.09 -8.53
C VAL A 332 -3.97 21.20 -8.84
N SER A 333 -4.84 21.69 -9.73
CA SER A 333 -6.06 20.97 -10.11
C SER A 333 -5.73 19.59 -10.65
N CYS A 334 -4.67 19.52 -11.47
CA CYS A 334 -4.22 18.25 -12.06
C CYS A 334 -3.89 17.23 -10.96
N LEU A 335 -3.07 17.64 -9.97
CA LEU A 335 -2.65 16.72 -8.91
C LEU A 335 -3.76 16.41 -7.93
N VAL A 336 -4.57 17.39 -7.58
CA VAL A 336 -5.70 17.13 -6.65
C VAL A 336 -6.69 16.14 -7.30
N CYS A 337 -7.00 16.31 -8.60
CA CYS A 337 -7.91 15.36 -9.29
C CYS A 337 -7.29 13.98 -9.35
N PHE A 338 -5.98 13.88 -9.55
CA PHE A 338 -5.28 12.57 -9.54
C PHE A 338 -5.47 11.92 -8.15
N ASN A 339 -5.19 12.67 -7.09
CA ASN A 339 -5.31 12.14 -5.71
C ASN A 339 -6.73 11.68 -5.34
N ILE A 340 -7.74 12.43 -5.75
CA ILE A 340 -9.11 12.14 -5.36
C ILE A 340 -9.80 11.13 -6.26
N PHE A 341 -9.58 11.18 -7.57
CA PHE A 341 -10.28 10.32 -8.51
C PHE A 341 -9.45 9.20 -9.12
N VAL A 342 -8.20 9.48 -9.50
CA VAL A 342 -7.37 8.45 -10.17
C VAL A 342 -6.84 7.41 -9.17
N VAL A 343 -6.37 7.85 -8.00
CA VAL A 343 -5.80 6.88 -7.03
C VAL A 343 -6.82 5.76 -6.66
N PRO A 344 -8.09 6.07 -6.28
CA PRO A 344 -9.03 4.97 -5.99
C PRO A 344 -9.33 4.13 -7.22
N THR A 345 -9.28 4.69 -8.44
CA THR A 345 -9.49 3.92 -9.65
C THR A 345 -8.35 2.92 -9.85
N ILE A 346 -7.12 3.37 -9.66
CA ILE A 346 -5.95 2.47 -9.74
C ILE A 346 -6.13 1.30 -8.76
N ARG A 347 -6.48 1.64 -7.51
CA ARG A 347 -6.66 0.64 -6.44
C ARG A 347 -7.82 -0.33 -6.77
N GLN A 348 -8.96 0.19 -7.27
CA GLN A 348 -10.08 -0.70 -7.65
C GLN A 348 -9.64 -1.67 -8.76
N LEU A 349 -8.95 -1.16 -9.80
CA LEU A 349 -8.46 -2.01 -10.89
C LEU A 349 -7.49 -3.07 -10.35
N ALA A 350 -6.67 -2.67 -9.36
CA ALA A 350 -5.68 -3.56 -8.74
C ALA A 350 -6.31 -4.48 -7.66
N GLY A 351 -7.64 -4.55 -7.58
CA GLY A 351 -8.35 -5.48 -6.69
C GLY A 351 -8.47 -5.11 -5.23
N TRP A 352 -8.18 -3.85 -4.87
CA TRP A 352 -8.33 -3.44 -3.47
C TRP A 352 -9.81 -3.47 -3.09
N THR A 353 -10.15 -4.07 -1.94
CA THR A 353 -11.54 -4.08 -1.46
C THR A 353 -11.89 -2.76 -0.80
N SER A 354 -10.87 -2.00 -0.34
CA SER A 354 -11.04 -0.70 0.31
C SER A 354 -10.20 0.35 -0.42
N PRO A 355 -10.67 0.81 -1.60
CA PRO A 355 -9.87 1.77 -2.37
C PRO A 355 -9.92 3.22 -1.92
N HIS A 356 -10.91 3.58 -1.07
CA HIS A 356 -11.12 4.96 -0.62
C HIS A 356 -9.92 5.43 0.18
N PRO A 357 -9.58 6.73 0.14
CA PRO A 357 -8.43 7.21 0.91
C PRO A 357 -8.77 7.28 2.38
N LEU A 358 -7.74 7.39 3.24
CA LEU A 358 -7.99 7.52 4.67
C LEU A 358 -8.50 8.94 4.89
N ARG A 359 -9.58 9.07 5.67
CA ARG A 359 -10.14 10.36 6.09
C ARG A 359 -10.03 10.38 7.58
N VAL A 360 -9.55 11.50 8.15
CA VAL A 360 -9.48 11.65 9.60
C VAL A 360 -10.18 12.96 9.92
N ARG A 361 -10.29 13.27 11.20
CA ARG A 361 -10.85 14.54 11.68
C ARG A 361 -9.65 15.24 12.33
N LEU A 362 -9.52 16.56 12.16
CA LEU A 362 -8.39 17.30 12.71
C LEU A 362 -8.79 18.72 13.08
N ARG A 363 -7.93 19.42 13.85
CA ARG A 363 -8.17 20.82 14.23
C ARG A 363 -7.29 21.77 13.42
N LEU A 364 -7.85 22.91 13.02
CA LEU A 364 -7.11 23.91 12.24
C LEU A 364 -6.14 24.70 13.13
N GLN A 365 -4.87 24.84 12.69
CA GLN A 365 -3.87 25.65 13.44
C GLN A 365 -4.03 27.15 13.13
N GLU A 366 -4.79 27.51 12.08
CA GLU A 366 -4.97 28.92 11.70
C GLU A 366 -6.35 29.08 11.07
N PRO A 367 -6.89 30.30 10.93
CA PRO A 367 -8.21 30.43 10.30
C PRO A 367 -8.19 30.19 8.78
N ILE A 368 -9.29 29.66 8.24
CA ILE A 368 -9.39 29.41 6.80
C ILE A 368 -10.77 29.83 6.32
N LYS A 369 -10.83 30.59 5.22
CA LYS A 369 -12.10 31.03 4.65
C LYS A 369 -12.55 30.00 3.63
N SER A 370 -13.79 29.50 3.75
CA SER A 370 -14.31 28.53 2.78
C SER A 370 -14.92 29.31 1.61
N ASP A 371 -15.12 28.65 0.48
CA ASP A 371 -15.73 29.27 -0.71
C ASP A 371 -17.26 29.30 -0.56
N PRO A 372 -17.98 30.33 -1.06
CA PRO A 372 -19.44 30.33 -0.87
C PRO A 372 -20.25 29.34 -1.75
N ILE A 373 -19.68 28.81 -2.85
CA ILE A 373 -20.40 27.91 -3.78
C ILE A 373 -19.84 26.48 -3.84
N ARG A 374 -18.53 26.33 -4.00
CA ARG A 374 -17.94 25.01 -4.21
C ARG A 374 -17.21 24.48 -3.00
N PRO A 375 -17.39 23.20 -2.62
CA PRO A 375 -16.60 22.67 -1.49
C PRO A 375 -15.14 22.62 -1.90
N GLU A 376 -14.23 23.01 -1.01
CA GLU A 376 -12.81 23.09 -1.35
C GLU A 376 -11.97 21.96 -0.78
N PHE A 377 -10.96 21.52 -1.57
CA PHE A 377 -9.97 20.54 -1.14
C PHE A 377 -8.71 21.38 -0.85
N HIS A 378 -8.68 21.97 0.35
CA HIS A 378 -7.62 22.91 0.77
C HIS A 378 -6.38 22.14 1.18
N ARG A 379 -5.21 22.44 0.57
CA ARG A 379 -3.97 21.70 0.88
C ARG A 379 -3.43 22.06 2.23
N ALA A 380 -2.98 21.03 2.99
CA ALA A 380 -2.45 21.26 4.33
C ALA A 380 -1.28 20.33 4.63
N ILE A 381 -0.52 20.72 5.64
CA ILE A 381 0.56 19.89 6.19
C ILE A 381 0.01 19.52 7.54
N ILE A 382 -0.26 18.23 7.77
CA ILE A 382 -0.82 17.79 9.04
C ILE A 382 0.18 16.99 9.85
N LYS A 383 0.00 17.00 11.17
CA LYS A 383 0.85 16.23 12.07
C LYS A 383 0.09 15.85 13.31
N TRP A 384 0.51 14.77 13.96
CA TRP A 384 -0.15 14.32 15.18
C TRP A 384 0.50 15.05 16.36
N LYS A 385 -0.31 15.64 17.24
CA LYS A 385 0.21 16.35 18.40
C LYS A 385 -0.28 15.73 19.70
N ASP A 386 0.54 15.78 20.76
CA ASP A 386 0.15 15.32 22.10
C ASP A 386 -1.01 16.17 22.65
N ASN A 387 -1.08 17.46 22.22
CA ASN A 387 -2.20 18.36 22.53
C ASN A 387 -2.59 19.03 21.21
N ASP A 388 -3.78 18.73 20.70
CA ASP A 388 -4.24 19.32 19.43
C ASP A 388 -4.84 20.74 19.58
N GLY A 389 -4.85 21.27 20.81
CA GLY A 389 -5.41 22.57 21.13
C GLY A 389 -6.59 22.46 22.07
N SER A 390 -7.22 21.26 22.14
CA SER A 390 -8.36 20.98 23.00
C SER A 390 -7.98 20.25 24.32
N GLY A 391 -6.69 20.01 24.56
CA GLY A 391 -6.23 19.29 25.75
C GLY A 391 -6.13 17.79 25.60
N THR A 392 -6.41 17.24 24.39
CA THR A 392 -6.32 15.80 24.13
C THR A 392 -5.50 15.61 22.85
N PRO A 393 -4.82 14.46 22.65
CA PRO A 393 -3.99 14.32 21.44
C PRO A 393 -4.81 14.24 20.16
N GLY A 394 -4.21 14.62 19.06
CA GLY A 394 -4.89 14.57 17.78
C GLY A 394 -4.15 15.22 16.65
N PHE A 395 -4.69 15.08 15.44
CA PHE A 395 -4.12 15.72 14.27
C PHE A 395 -4.42 17.21 14.27
N VAL A 396 -3.51 17.98 13.69
CA VAL A 396 -3.68 19.42 13.53
C VAL A 396 -3.24 19.72 12.11
N ALA A 397 -3.68 20.83 11.55
CA ALA A 397 -3.31 21.18 10.17
C ALA A 397 -2.92 22.62 10.02
N GLU A 398 -1.94 22.86 9.14
CA GLU A 398 -1.54 24.19 8.72
C GLU A 398 -1.84 24.26 7.23
N SER A 399 -2.38 25.40 6.77
CA SER A 399 -2.58 25.61 5.35
C SER A 399 -1.21 25.75 4.66
N THR A 400 -1.13 25.41 3.36
CA THR A 400 0.08 25.65 2.58
C THR A 400 0.08 27.09 1.99
N GLY A 401 -0.88 27.95 2.38
CA GLY A 401 -0.94 29.34 1.94
C GLY A 401 -1.97 29.57 0.86
N HIS A 402 -1.66 30.45 -0.11
N HIS A 402 -1.65 30.44 -0.11
CA HIS A 402 -2.58 30.79 -1.20
CA HIS A 402 -2.54 30.79 -1.22
C HIS A 402 -2.92 29.53 -1.97
C HIS A 402 -2.92 29.51 -1.98
N GLN A 403 -4.22 29.31 -2.26
CA GLN A 403 -4.72 28.09 -2.91
C GLN A 403 -5.02 28.20 -4.41
N MET A 404 -4.61 29.30 -5.06
CA MET A 404 -4.85 29.49 -6.51
C MET A 404 -4.40 28.22 -7.26
N SER A 405 -5.20 27.74 -8.23
CA SER A 405 -4.91 26.48 -8.92
C SER A 405 -3.62 26.48 -9.76
N SER A 406 -3.10 27.67 -10.10
CA SER A 406 -1.87 27.76 -10.89
C SER A 406 -0.62 27.66 -10.02
N ARG A 407 -0.79 27.68 -8.68
CA ARG A 407 0.30 27.74 -7.71
C ARG A 407 0.64 26.33 -7.21
N LEU A 408 1.52 25.67 -7.93
CA LEU A 408 1.99 24.34 -7.55
C LEU A 408 2.71 24.36 -6.17
N LEU A 409 3.28 25.52 -5.73
CA LEU A 409 3.87 25.62 -4.39
C LEU A 409 2.82 25.32 -3.30
N SER A 410 1.49 25.46 -3.58
CA SER A 410 0.45 25.12 -2.59
C SER A 410 0.35 23.59 -2.36
N MET A 411 0.93 22.74 -3.24
CA MET A 411 0.97 21.28 -3.08
C MET A 411 2.24 20.84 -2.34
N ARG A 412 3.27 21.71 -2.29
CA ARG A 412 4.57 21.35 -1.71
C ARG A 412 4.46 20.90 -0.26
N SER A 413 4.93 19.68 0.04
CA SER A 413 4.85 19.12 1.40
C SER A 413 3.42 18.78 1.84
N ALA A 414 2.38 19.00 1.01
CA ALA A 414 0.99 18.79 1.42
C ALA A 414 0.69 17.30 1.54
N ASN A 415 0.41 16.84 2.74
CA ASN A 415 0.12 15.41 2.98
C ASN A 415 -1.40 15.23 3.21
N ALA A 416 -2.21 16.30 3.11
CA ALA A 416 -3.64 16.16 3.28
C ALA A 416 -4.42 17.24 2.54
N LEU A 417 -5.69 16.92 2.25
CA LEU A 417 -6.63 17.86 1.64
C LEU A 417 -7.76 18.04 2.63
N LEU A 418 -7.94 19.26 3.16
CA LEU A 418 -9.02 19.54 4.11
C LEU A 418 -10.29 19.69 3.28
N GLU A 419 -11.38 19.04 3.70
CA GLU A 419 -12.64 19.07 2.98
C GLU A 419 -13.46 20.20 3.58
N LEU A 420 -13.46 21.35 2.93
CA LEU A 420 -14.15 22.52 3.45
C LEU A 420 -15.52 22.62 2.80
N PRO A 421 -16.64 22.54 3.54
CA PRO A 421 -17.97 22.71 2.88
C PRO A 421 -18.17 24.11 2.29
N ALA A 422 -19.10 24.24 1.34
CA ALA A 422 -19.36 25.53 0.67
C ALA A 422 -20.27 26.46 1.53
N THR A 423 -19.78 26.97 2.67
CA THR A 423 -20.53 27.88 3.54
C THR A 423 -20.15 29.35 3.33
N GLY A 424 -18.94 29.61 2.85
CA GLY A 424 -18.47 30.98 2.65
C GLY A 424 -18.02 31.69 3.92
N ASN A 425 -18.00 30.97 5.07
CA ASN A 425 -17.64 31.53 6.37
C ASN A 425 -16.17 31.26 6.69
N VAL A 426 -15.65 32.00 7.68
CA VAL A 426 -14.28 31.83 8.16
C VAL A 426 -14.29 30.75 9.22
N LEU A 427 -13.54 29.66 8.98
CA LEU A 427 -13.42 28.59 9.95
C LEU A 427 -12.28 29.04 10.85
N SER A 428 -12.57 29.26 12.12
CA SER A 428 -11.56 29.77 13.04
C SER A 428 -10.53 28.70 13.42
N ALA A 429 -9.35 29.14 13.88
CA ALA A 429 -8.29 28.26 14.38
C ALA A 429 -8.86 27.51 15.57
N GLY A 430 -8.63 26.20 15.62
CA GLY A 430 -9.18 25.34 16.66
C GLY A 430 -10.44 24.61 16.24
N SER A 431 -11.11 25.03 15.13
CA SER A 431 -12.32 24.34 14.65
C SER A 431 -11.92 23.03 13.99
N SER A 432 -12.83 22.04 14.00
CA SER A 432 -12.55 20.71 13.49
C SER A 432 -13.07 20.51 12.07
N VAL A 433 -12.28 19.84 11.21
CA VAL A 433 -12.68 19.57 9.82
C VAL A 433 -12.27 18.14 9.44
N SER A 434 -12.85 17.65 8.34
CA SER A 434 -12.52 16.33 7.80
C SER A 434 -11.34 16.54 6.86
N ALA A 435 -10.45 15.57 6.76
CA ALA A 435 -9.28 15.72 5.88
C ALA A 435 -8.96 14.40 5.22
N ILE A 436 -8.59 14.44 3.93
CA ILE A 436 -8.19 13.26 3.17
C ILE A 436 -6.67 13.20 3.28
N ILE A 437 -6.10 12.05 3.69
CA ILE A 437 -4.64 11.88 3.78
C ILE A 437 -4.17 11.36 2.43
N VAL A 438 -3.27 12.10 1.76
CA VAL A 438 -2.83 11.78 0.40
C VAL A 438 -1.40 11.27 0.30
N SER A 439 -0.64 11.19 1.38
CA SER A 439 0.72 10.64 1.28
C SER A 439 0.98 9.77 2.47
N ASP A 440 1.72 8.66 2.23
CA ASP A 440 2.04 7.62 3.21
C ASP A 440 1.98 8.11 4.62
N ILE A 441 0.92 7.76 5.37
CA ILE A 441 0.78 8.14 6.78
C ILE A 441 1.93 7.59 7.65
N SER A 442 2.65 6.53 7.20
CA SER A 442 3.74 5.98 8.02
C SER A 442 5.05 6.75 7.73
N ALA A 443 5.02 7.63 6.69
CA ALA A 443 6.13 8.50 6.34
C ALA A 443 5.86 9.93 6.87
N PHE A 444 4.83 10.13 7.76
CA PHE A 444 4.53 11.44 8.35
C PHE A 444 5.67 11.89 9.29
N SER A 445 6.17 13.13 9.10
CA SER A 445 7.18 13.72 10.00
C SER A 445 6.45 14.03 11.32
N ILE A 446 7.07 13.65 12.46
CA ILE A 446 6.41 13.77 13.75
C ILE A 446 6.49 15.21 14.27
N ASP A 447 5.65 15.55 15.28
CA ASP A 447 5.66 16.88 15.89
C ASP A 447 6.91 17.02 16.76
P AMP B . -5.73 24.28 -20.25
O1P AMP B . -6.48 25.51 -20.66
O2P AMP B . -4.99 23.65 -21.42
O3P AMP B . -6.50 23.35 -19.37
O5' AMP B . -4.64 24.81 -19.21
C5' AMP B . -4.99 25.47 -17.99
C4' AMP B . -3.74 26.14 -17.42
O4' AMP B . -2.79 25.10 -17.04
C3' AMP B . -2.99 27.07 -18.39
O3' AMP B . -2.45 28.19 -17.66
C2' AMP B . -1.88 26.20 -18.93
O2' AMP B . -0.75 26.91 -19.43
C1' AMP B . -1.57 25.31 -17.73
N9 AMP B . -1.05 23.99 -18.18
C8 AMP B . -1.61 23.13 -19.07
N7 AMP B . -0.84 22.02 -19.20
C5 AMP B . 0.23 22.18 -18.40
C6 AMP B . 1.45 21.40 -18.10
N6 AMP B . 1.66 20.21 -18.66
N1 AMP B . 2.32 21.90 -17.19
C2 AMP B . 2.12 23.09 -16.58
N3 AMP B . 1.02 23.86 -16.82
C4 AMP B . 0.08 23.47 -17.71
H5'1 AMP B . -5.36 24.73 -17.28
H5'2 AMP B . -5.78 26.19 -18.16
H4' AMP B . -4.03 26.72 -16.54
H3' AMP B . -3.64 27.39 -19.22
HO3' AMP B . -1.53 28.07 -17.43
H2' AMP B . -2.29 25.59 -19.76
HO2' AMP B . -1.04 27.62 -20.00
H1' AMP B . -0.85 25.82 -17.09
H8 AMP B . -2.55 23.29 -19.58
HN61 AMP B . 1.03 19.84 -19.34
HN62 AMP B . 2.47 19.69 -18.41
H2 AMP B . 2.86 23.45 -15.89
MG MG C . -3.92 24.23 -22.93
W WO4 D . -10.42 26.56 -9.89
W WO4 D . -9.88 28.09 -9.03
O1 WO4 D . -9.33 26.68 -8.50
O1 WO4 D . -10.32 26.41 -8.66
O2 WO4 D . -11.79 27.65 -9.55
O2 WO4 D . -11.36 28.92 -9.57
O3 WO4 D . -9.57 27.19 -11.32
O3 WO4 D . -9.34 28.88 -7.54
O4 WO4 D . -11.01 24.88 -10.10
O4 WO4 D . -8.72 28.15 -10.39
C1 EDO E . -6.84 -4.93 0.18
O1 EDO E . -7.85 -5.40 -0.71
C2 EDO E . -6.75 -3.40 0.15
O2 EDO E . -8.06 -2.82 0.33
H11 EDO E . -5.89 -5.37 -0.11
H12 EDO E . -7.07 -5.26 1.21
HO1 EDO E . -8.53 -5.84 -0.18
H21 EDO E . -6.32 -3.09 -0.80
H22 EDO E . -6.09 -3.05 0.95
HO2 EDO E . -7.97 -2.02 0.86
C1 EDO F . 1.43 -5.81 5.92
O1 EDO F . 2.46 -6.68 6.42
C2 EDO F . 0.32 -5.68 6.96
O2 EDO F . 0.35 -4.34 7.51
H11 EDO F . 1.00 -6.19 5.01
H12 EDO F . 1.86 -4.83 5.70
HO1 EDO F . 3.20 -6.69 5.80
H21 EDO F . 0.45 -6.41 7.75
H22 EDO F . -0.63 -5.85 6.46
HO2 EDO F . -0.47 -4.19 7.99
C1 EDO G . -11.70 33.84 -32.48
O1 EDO G . -11.53 35.25 -32.33
C2 EDO G . -12.39 33.25 -31.25
O2 EDO G . -12.82 31.90 -31.48
H11 EDO G . -10.74 33.35 -32.60
H12 EDO G . -12.31 33.63 -33.35
HO1 EDO G . -11.60 35.68 -33.19
H21 EDO G . -13.25 33.86 -30.98
H22 EDO G . -11.70 33.26 -30.40
HO2 EDO G . -12.16 31.43 -32.01
C ACE H . 19.58 -24.06 16.61
O ACE H . 19.31 -23.12 17.35
CH3 ACE H . 18.57 -24.90 15.86
H1 ACE H . 19.08 -25.44 15.11
H2 ACE H . 18.10 -25.55 16.54
H3 ACE H . 17.84 -24.28 15.39
C ACE I . -4.88 30.13 4.07
O ACE I . -3.68 30.01 4.20
CH3 ACE I . -5.67 30.76 5.20
H ACE I . -5.39 29.81 3.18
H1 ACE I . -6.48 30.13 5.45
H2 ACE I . -6.04 31.69 4.87
H3 ACE I . -5.05 30.90 6.04
#